data_1W2N
#
_entry.id   1W2N
#
_cell.length_a   138.800
_cell.length_b   138.800
_cell.length_c   48.600
_cell.angle_alpha   90.00
_cell.angle_beta   90.00
_cell.angle_gamma   120.00
#
_symmetry.space_group_name_H-M   'P 31 2 1'
#
loop_
_entity.id
_entity.type
_entity.pdbx_description
1 polymer 'DEACETOXYCEPHALOSPORIN C SYNTHASE'
2 non-polymer 'FE (III) ION'
3 non-polymer '(2S,6R)-6-{[(2R)-2-AMINO-2-PHENYLETHANOYL]AMINO}-3,3-DIMETHYL-7-OXO-4-THIA-1-AZABICYCLO[3.2.0]HEPTANE-2-CARBOXYLIC ACID'
4 water water
#
_entity_poly.entity_id   1
_entity_poly.type   'polypeptide(L)'
_entity_poly.pdbx_seq_one_letter_code
;MGSSHHHHHHSSGLVPRGSHMDTTVPTFSLAELQQGLHQDEFRRCLRDKGLFYLTDCGLTDTELKSAKDLVIDFFEHGSE
AEKRAVTSPVPTMRRGFTGLESESTAQITNTGSYSDYSMCYSMGTADNLFPSGDFERIWTQYFDRQYTASRAVAREVLRA
TGTEPDGGVEAFLDCEPLLRFRYFPQVPEHRSAEEQPLRMAPHYDLSMVTLIQQTPCANGFVSLQAEVGGAFTDLPYRPD
AVLVFCGAIATLVTGGQVKAPRHHVAAPRRDQIAGSSRTSSVFFLRPNADFTFSVPLARECGFDVSLDGETATFQDWIGG
NYVNIRRTSKA
;
_entity_poly.pdbx_strand_id   A
#
loop_
_chem_comp.id
_chem_comp.type
_chem_comp.name
_chem_comp.formula
FE non-polymer 'FE (III) ION' 'Fe 3'
PN1 non-polymer '(2S,6R)-6-{[(2R)-2-AMINO-2-PHENYLETHANOYL]AMINO}-3,3-DIMETHYL-7-OXO-4-THIA-1-AZABICYCLO[3.2.0]HEPTANE-2-CARBOXYLIC ACID' 'C16 H19 N3 O4 S'
#
# COMPACT_ATOMS: atom_id res chain seq x y z
N MET A 21 -8.22 23.42 -7.45
CA MET A 21 -7.41 24.44 -6.71
C MET A 21 -6.46 23.80 -5.68
N ASP A 22 -6.99 23.03 -4.72
CA ASP A 22 -6.21 22.51 -3.55
C ASP A 22 -5.39 21.22 -3.76
N THR A 23 -4.08 21.35 -3.94
CA THR A 23 -3.26 20.18 -4.30
C THR A 23 -2.16 19.79 -3.29
N THR A 24 -2.34 20.17 -2.04
CA THR A 24 -1.35 19.87 -0.99
C THR A 24 -1.81 18.61 -0.28
N VAL A 25 -0.85 17.90 0.30
CA VAL A 25 -1.11 16.66 1.05
C VAL A 25 -0.70 16.86 2.50
N PRO A 26 -1.64 16.79 3.42
CA PRO A 26 -1.35 17.02 4.84
C PRO A 26 -0.60 15.88 5.51
N THR A 27 0.13 16.20 6.59
CA THR A 27 0.75 15.23 7.49
C THR A 27 -0.06 15.21 8.79
N PHE A 28 -0.26 14.06 9.39
CA PHE A 28 -0.85 13.98 10.72
C PHE A 28 -0.06 12.97 11.54
N SER A 29 0.10 13.25 12.83
CA SER A 29 0.52 12.24 13.77
C SER A 29 -0.69 11.41 14.17
N LEU A 30 -0.52 10.09 14.22
CA LEU A 30 -1.56 9.14 14.69
C LEU A 30 -1.83 9.24 16.20
N ALA A 31 -0.76 9.37 17.00
CA ALA A 31 -0.95 9.67 18.41
C ALA A 31 -1.87 10.88 18.57
N GLU A 32 -1.52 11.98 17.90
CA GLU A 32 -2.32 13.20 17.99
C GLU A 32 -3.76 12.95 17.58
N LEU A 33 -3.99 12.17 16.53
CA LEU A 33 -5.39 11.86 16.13
C LEU A 33 -6.15 11.07 17.16
N GLN A 34 -5.49 10.09 17.77
CA GLN A 34 -6.08 9.25 18.83
C GLN A 34 -6.45 10.03 20.11
N GLN A 35 -5.90 11.24 20.24
CA GLN A 35 -6.22 12.13 21.36
C GLN A 35 -7.23 13.19 20.99
N GLY A 36 -8.02 12.91 19.94
CA GLY A 36 -9.07 13.81 19.49
C GLY A 36 -8.62 15.10 18.82
N LEU A 37 -7.33 15.27 18.55
CA LEU A 37 -6.87 16.50 17.89
C LEU A 37 -7.24 16.53 16.40
N HIS A 38 -7.21 17.72 15.82
CA HIS A 38 -7.39 17.92 14.39
C HIS A 38 -8.59 17.21 13.77
N GLN A 39 -9.68 17.03 14.51
CA GLN A 39 -10.86 16.31 13.98
C GLN A 39 -11.38 16.85 12.65
N ASP A 40 -11.50 18.16 12.48
CA ASP A 40 -12.09 18.69 11.26
C ASP A 40 -11.13 18.54 10.09
N GLU A 41 -9.88 18.93 10.30
CA GLU A 41 -8.88 18.85 9.23
C GLU A 41 -8.85 17.43 8.66
N PHE A 42 -9.02 16.45 9.52
CA PHE A 42 -8.84 15.05 9.14
C PHE A 42 -10.09 14.55 8.49
N ARG A 43 -11.25 14.99 8.97
CA ARG A 43 -12.52 14.59 8.37
C ARG A 43 -12.58 15.08 6.90
N ARG A 44 -12.19 16.33 6.68
CA ARG A 44 -12.30 16.97 5.39
C ARG A 44 -11.33 16.34 4.40
N CYS A 45 -10.11 16.08 4.88
CA CYS A 45 -9.06 15.44 4.11
C CYS A 45 -9.55 14.10 3.57
N LEU A 46 -10.26 13.33 4.38
CA LEU A 46 -10.66 12.01 3.95
C LEU A 46 -11.70 12.13 2.81
N ARG A 47 -12.68 13.01 3.01
CA ARG A 47 -13.75 13.23 2.05
C ARG A 47 -13.23 13.84 0.73
N ASP A 48 -12.21 14.70 0.80
CA ASP A 48 -11.78 15.53 -0.35
C ASP A 48 -10.49 15.06 -1.01
N LYS A 49 -9.78 14.15 -0.39
CA LYS A 49 -8.47 13.76 -0.89
C LYS A 49 -8.20 12.28 -0.74
N GLY A 50 -8.67 11.66 0.31
CA GLY A 50 -8.42 10.26 0.57
C GLY A 50 -6.94 9.89 0.75
N LEU A 51 -6.06 10.85 0.92
CA LEU A 51 -4.68 10.49 1.14
C LEU A 51 -3.98 11.41 2.09
N PHE A 52 -2.96 10.91 2.78
CA PHE A 52 -2.21 11.69 3.77
C PHE A 52 -1.00 11.00 4.23
N TYR A 53 0.03 11.77 4.56
CA TYR A 53 1.20 11.24 5.25
C TYR A 53 0.88 11.07 6.73
N LEU A 54 1.66 10.27 7.42
CA LEU A 54 1.37 9.95 8.82
C LEU A 54 2.64 9.69 9.66
N THR A 55 2.90 10.51 10.67
CA THR A 55 3.98 10.21 11.64
C THR A 55 3.47 9.46 12.88
N ASP A 56 4.38 9.15 13.80
CA ASP A 56 4.07 8.61 15.15
C ASP A 56 3.11 7.45 15.12
N CYS A 57 3.34 6.55 14.18
CA CYS A 57 2.72 5.22 14.18
C CYS A 57 3.93 4.35 14.18
N GLY A 58 3.82 3.15 14.68
CA GLY A 58 5.00 2.45 15.14
C GLY A 58 5.94 1.92 14.07
N LEU A 59 6.19 2.70 13.02
CA LEU A 59 7.15 2.33 11.98
C LEU A 59 8.33 3.24 12.06
N THR A 60 9.42 2.80 11.44
CA THR A 60 10.69 3.51 11.50
C THR A 60 11.43 3.39 10.16
N ASP A 61 12.20 4.42 9.79
CA ASP A 61 13.04 4.32 8.59
C ASP A 61 13.96 3.13 8.78
N THR A 62 14.41 2.93 10.02
CA THR A 62 15.39 1.89 10.32
C THR A 62 14.90 0.45 10.07
N GLU A 63 13.79 0.07 10.68
CA GLU A 63 13.09 -1.18 10.40
C GLU A 63 13.10 -1.44 8.88
N LEU A 64 12.69 -0.41 8.14
CA LEU A 64 12.60 -0.51 6.70
C LEU A 64 13.94 -0.74 6.04
N LYS A 65 14.93 0.08 6.39
CA LYS A 65 16.26 -0.07 5.84
C LYS A 65 16.76 -1.52 6.05
N SER A 66 16.47 -2.11 7.20
CA SER A 66 17.01 -3.45 7.54
C SER A 66 16.31 -4.58 6.82
N ALA A 67 15.03 -4.41 6.53
CA ALA A 67 14.29 -5.39 5.77
C ALA A 67 14.77 -5.34 4.34
N LYS A 68 14.86 -4.13 3.81
CA LYS A 68 15.41 -3.86 2.50
C LYS A 68 16.81 -4.43 2.40
N ASP A 69 17.68 -4.15 3.36
CA ASP A 69 19.09 -4.56 3.23
C ASP A 69 19.18 -6.07 3.10
N LEU A 70 18.33 -6.75 3.82
CA LEU A 70 18.30 -8.19 3.81
C LEU A 70 17.83 -8.81 2.48
N VAL A 71 16.81 -8.23 1.89
CA VAL A 71 16.35 -8.64 0.55
C VAL A 71 17.39 -8.42 -0.54
N ILE A 72 17.98 -7.25 -0.56
CA ILE A 72 18.99 -6.90 -1.56
C ILE A 72 20.20 -7.81 -1.42
N ASP A 73 20.52 -8.14 -0.17
CA ASP A 73 21.56 -9.09 0.15
C ASP A 73 21.30 -10.39 -0.62
N PHE A 74 20.08 -10.89 -0.52
CA PHE A 74 19.73 -12.15 -1.13
C PHE A 74 19.77 -12.06 -2.65
N PHE A 75 19.19 -10.98 -3.17
CA PHE A 75 19.14 -10.68 -4.59
C PHE A 75 20.52 -10.85 -5.22
N GLU A 76 21.54 -10.30 -4.57
CA GLU A 76 22.90 -10.29 -5.08
C GLU A 76 23.73 -11.56 -4.82
N HIS A 77 23.51 -12.24 -3.68
CA HIS A 77 24.46 -13.27 -3.24
C HIS A 77 23.82 -14.64 -3.12
N GLY A 78 22.58 -14.75 -3.50
CA GLY A 78 21.87 -16.00 -3.38
C GLY A 78 22.29 -16.93 -4.50
N SER A 79 22.64 -18.17 -4.11
CA SER A 79 22.81 -19.28 -5.04
C SER A 79 21.69 -19.28 -6.06
N GLU A 80 21.96 -19.90 -7.21
CA GLU A 80 20.98 -20.03 -8.27
C GLU A 80 19.87 -21.01 -7.81
N ALA A 81 20.26 -22.06 -7.06
CA ALA A 81 19.34 -23.10 -6.58
C ALA A 81 18.44 -22.60 -5.45
N GLU A 82 19.04 -21.86 -4.52
CA GLU A 82 18.32 -21.20 -3.41
C GLU A 82 17.18 -20.33 -3.96
N LYS A 83 17.55 -19.51 -4.94
CA LYS A 83 16.59 -18.64 -5.62
C LYS A 83 15.41 -19.42 -6.24
N ARG A 84 15.68 -20.49 -6.96
CA ARG A 84 14.58 -21.31 -7.52
C ARG A 84 13.60 -21.71 -6.38
N ALA A 85 14.13 -22.14 -5.24
CA ALA A 85 13.31 -22.72 -4.16
C ALA A 85 12.32 -21.74 -3.53
N VAL A 86 12.52 -20.44 -3.77
CA VAL A 86 11.59 -19.42 -3.30
C VAL A 86 11.10 -18.43 -4.37
N THR A 87 11.39 -18.64 -5.66
CA THR A 87 10.68 -17.90 -6.70
C THR A 87 9.21 -18.39 -6.69
N SER A 88 8.31 -17.48 -7.01
CA SER A 88 6.86 -17.75 -6.99
C SER A 88 6.53 -18.82 -8.03
N PRO A 89 5.79 -19.85 -7.60
CA PRO A 89 5.48 -20.96 -8.52
C PRO A 89 4.57 -20.52 -9.71
N VAL A 90 3.58 -19.65 -9.45
CA VAL A 90 2.65 -19.09 -10.47
C VAL A 90 2.16 -17.65 -10.08
N PRO A 91 2.03 -16.70 -11.03
CA PRO A 91 1.48 -15.35 -10.74
C PRO A 91 0.31 -15.25 -9.70
N THR A 92 -0.60 -16.24 -9.69
CA THR A 92 -1.66 -16.38 -8.64
C THR A 92 -1.12 -16.44 -7.21
N MET A 93 -0.14 -17.32 -7.02
CA MET A 93 0.63 -17.33 -5.79
C MET A 93 1.38 -16.00 -5.76
N ARG A 94 0.83 -15.05 -5.00
CA ARG A 94 1.48 -13.77 -4.84
C ARG A 94 2.27 -13.91 -3.53
N ARG A 95 3.30 -14.75 -3.61
CA ARG A 95 4.18 -15.08 -2.49
C ARG A 95 5.55 -15.38 -3.03
N GLY A 96 6.58 -14.83 -2.42
CA GLY A 96 7.94 -15.11 -2.85
C GLY A 96 8.38 -14.10 -3.87
N PHE A 97 9.47 -14.37 -4.56
CA PHE A 97 10.12 -13.40 -5.42
C PHE A 97 9.66 -13.48 -6.89
N THR A 98 10.06 -12.48 -7.68
CA THR A 98 9.90 -12.51 -9.13
C THR A 98 10.89 -11.53 -9.76
N GLY A 99 11.69 -12.00 -10.73
CA GLY A 99 12.50 -11.13 -11.56
C GLY A 99 13.92 -10.92 -11.04
N LEU A 100 14.55 -12.01 -10.63
CA LEU A 100 15.82 -11.95 -9.89
C LEU A 100 16.96 -12.86 -10.40
N GLU A 101 16.80 -13.40 -11.60
CA GLU A 101 17.51 -14.60 -12.03
C GLU A 101 18.33 -14.35 -13.32
N SER A 102 18.39 -15.37 -14.20
CA SER A 102 18.83 -15.24 -15.59
C SER A 102 17.85 -15.93 -16.53
N TYR A 117 10.40 -2.66 -14.65
CA TYR A 117 11.01 -3.93 -15.05
C TYR A 117 12.08 -4.31 -14.02
N SER A 118 11.65 -5.04 -12.97
CA SER A 118 12.39 -5.10 -11.69
C SER A 118 12.06 -6.33 -10.81
N MET A 119 12.71 -6.45 -9.63
CA MET A 119 12.43 -7.53 -8.63
C MET A 119 11.41 -7.18 -7.54
N CYS A 120 10.85 -8.20 -6.95
CA CYS A 120 9.65 -8.03 -6.20
C CYS A 120 9.45 -9.15 -5.18
N TYR A 121 9.17 -8.82 -3.92
CA TYR A 121 8.91 -9.82 -2.89
C TYR A 121 7.56 -9.63 -2.25
N SER A 122 6.77 -10.67 -2.08
CA SER A 122 5.40 -10.58 -1.61
C SER A 122 5.16 -11.53 -0.45
N MET A 123 4.33 -11.17 0.53
CA MET A 123 4.01 -12.11 1.56
C MET A 123 2.65 -11.77 2.12
N GLY A 124 2.00 -12.70 2.82
CA GLY A 124 0.73 -12.45 3.52
C GLY A 124 0.72 -13.00 4.92
N THR A 125 -0.45 -13.28 5.48
CA THR A 125 -0.49 -13.84 6.83
C THR A 125 0.04 -15.28 6.94
N ALA A 126 0.19 -15.97 5.80
CA ALA A 126 0.56 -17.38 5.80
C ALA A 126 1.03 -17.86 4.40
N ASP A 127 1.38 -19.14 4.30
CA ASP A 127 1.84 -19.73 3.02
C ASP A 127 2.99 -18.91 2.39
N ASN A 128 3.80 -18.30 3.23
CA ASN A 128 4.95 -17.51 2.79
C ASN A 128 6.17 -18.38 2.47
N LEU A 129 7.09 -17.84 1.68
CA LEU A 129 8.33 -18.51 1.30
C LEU A 129 9.55 -17.73 1.80
N PHE A 130 10.60 -18.42 2.23
CA PHE A 130 11.67 -17.76 2.99
C PHE A 130 13.04 -18.35 2.76
N PRO A 131 13.97 -17.55 2.23
CA PRO A 131 15.37 -17.97 2.00
C PRO A 131 16.16 -18.39 3.23
N SER A 132 15.82 -17.90 4.42
CA SER A 132 16.61 -18.24 5.62
C SER A 132 15.81 -17.98 6.90
N GLY A 133 16.37 -18.39 8.03
CA GLY A 133 15.71 -18.26 9.31
C GLY A 133 15.68 -16.82 9.81
N ASP A 134 16.78 -16.10 9.56
CA ASP A 134 16.83 -14.71 9.97
C ASP A 134 15.98 -13.86 9.07
N PHE A 135 15.88 -14.23 7.80
CA PHE A 135 14.91 -13.63 6.91
C PHE A 135 13.45 -13.77 7.46
N GLU A 136 13.03 -15.00 7.76
CA GLU A 136 11.73 -15.22 8.37
C GLU A 136 11.47 -14.25 9.52
N ARG A 137 12.44 -14.12 10.43
CA ARG A 137 12.24 -13.31 11.65
C ARG A 137 12.13 -11.83 11.30
N ILE A 138 12.99 -11.33 10.43
CA ILE A 138 12.98 -9.88 10.20
C ILE A 138 11.73 -9.50 9.45
N TRP A 139 11.43 -10.25 8.39
CA TRP A 139 10.26 -9.95 7.56
C TRP A 139 8.95 -10.33 8.21
N THR A 140 8.93 -11.33 9.08
CA THR A 140 7.69 -11.60 9.80
C THR A 140 7.39 -10.43 10.74
N GLN A 141 8.42 -9.81 11.28
CA GLN A 141 8.24 -8.77 12.27
C GLN A 141 7.91 -7.53 11.51
N TYR A 142 8.44 -7.36 10.31
CA TYR A 142 8.19 -6.12 9.59
C TYR A 142 6.72 -6.16 9.12
N PHE A 143 6.25 -7.33 8.70
CA PHE A 143 4.87 -7.50 8.33
C PHE A 143 3.95 -7.22 9.50
N ASP A 144 4.11 -7.90 10.63
CA ASP A 144 3.25 -7.62 11.80
C ASP A 144 3.18 -6.13 12.10
N ARG A 145 4.34 -5.45 12.06
CA ARG A 145 4.36 -4.02 12.38
C ARG A 145 3.55 -3.22 11.41
N GLN A 146 3.69 -3.53 10.14
CA GLN A 146 2.97 -2.83 9.07
C GLN A 146 1.47 -3.08 9.19
N TYR A 147 1.10 -4.29 9.57
CA TYR A 147 -0.28 -4.71 9.79
C TYR A 147 -0.83 -4.04 11.04
N THR A 148 -0.03 -3.88 12.09
CA THR A 148 -0.54 -3.21 13.27
C THR A 148 -0.81 -1.76 12.92
N ALA A 149 0.15 -1.11 12.29
CA ALA A 149 -0.05 0.29 11.92
C ALA A 149 -1.27 0.48 11.02
N SER A 150 -1.40 -0.37 10.01
CA SER A 150 -2.45 -0.18 9.04
C SER A 150 -3.81 -0.47 9.64
N ARG A 151 -3.89 -1.37 10.63
CA ARG A 151 -5.13 -1.50 11.42
C ARG A 151 -5.39 -0.25 12.21
N ALA A 152 -4.34 0.37 12.73
CA ALA A 152 -4.58 1.50 13.63
C ALA A 152 -5.19 2.63 12.80
N VAL A 153 -4.51 3.01 11.73
CA VAL A 153 -5.05 3.99 10.76
C VAL A 153 -6.48 3.68 10.31
N ALA A 154 -6.77 2.43 10.03
CA ALA A 154 -8.09 2.10 9.58
C ALA A 154 -9.10 2.38 10.70
N ARG A 155 -8.71 2.04 11.92
CA ARG A 155 -9.54 2.27 13.08
C ARG A 155 -9.87 3.73 13.16
N GLU A 156 -8.87 4.58 12.97
CA GLU A 156 -9.08 6.01 12.98
C GLU A 156 -9.97 6.51 11.85
N VAL A 157 -9.88 5.90 10.68
CA VAL A 157 -10.70 6.33 9.55
C VAL A 157 -12.17 6.01 9.81
N LEU A 158 -12.45 4.89 10.44
CA LEU A 158 -13.82 4.55 10.74
C LEU A 158 -14.39 5.44 11.86
N ARG A 159 -13.57 5.73 12.86
CA ARG A 159 -14.04 6.47 14.01
C ARG A 159 -14.37 7.92 13.60
N ALA A 160 -13.50 8.51 12.77
CA ALA A 160 -13.69 9.85 12.22
C ALA A 160 -14.97 10.04 11.42
N THR A 161 -15.51 8.96 10.88
CA THR A 161 -16.72 9.02 10.06
C THR A 161 -17.86 8.25 10.68
N GLY A 162 -17.74 7.90 11.95
CA GLY A 162 -18.79 7.27 12.73
C GLY A 162 -19.30 5.96 12.20
N THR A 163 -18.43 5.05 11.78
CA THR A 163 -18.80 3.87 10.99
C THR A 163 -18.54 2.60 11.78
N GLU A 164 -19.59 1.81 12.01
CA GLU A 164 -19.42 0.51 12.69
C GLU A 164 -19.88 -0.55 11.67
N PRO A 165 -18.94 -1.16 10.95
CA PRO A 165 -19.32 -2.16 9.95
C PRO A 165 -20.03 -3.30 10.62
N ASP A 166 -20.64 -4.15 9.82
CA ASP A 166 -21.45 -5.22 10.42
C ASP A 166 -20.52 -6.31 10.95
N GLY A 167 -20.78 -6.72 12.18
CA GLY A 167 -19.91 -7.67 12.88
C GLY A 167 -18.79 -7.00 13.66
N GLY A 168 -18.75 -5.66 13.66
CA GLY A 168 -17.82 -4.89 14.47
C GLY A 168 -16.52 -4.50 13.80
N VAL A 169 -15.92 -3.42 14.28
CA VAL A 169 -14.67 -2.90 13.77
C VAL A 169 -13.59 -3.99 13.78
N GLU A 170 -13.49 -4.73 14.86
CA GLU A 170 -12.35 -5.63 14.98
C GLU A 170 -12.40 -6.82 14.02
N ALA A 171 -13.57 -7.40 13.79
CA ALA A 171 -13.65 -8.54 12.86
C ALA A 171 -13.33 -8.04 11.46
N PHE A 172 -13.86 -6.89 11.10
CA PHE A 172 -13.57 -6.27 9.83
C PHE A 172 -12.09 -6.10 9.62
N LEU A 173 -11.40 -5.62 10.67
CA LEU A 173 -10.00 -5.23 10.58
C LEU A 173 -9.11 -6.42 10.69
N ASP A 174 -9.64 -7.52 11.19
CA ASP A 174 -8.91 -8.76 11.23
C ASP A 174 -9.20 -9.42 9.88
N CYS A 175 -8.24 -9.36 8.97
CA CYS A 175 -8.53 -9.54 7.55
C CYS A 175 -7.47 -10.38 6.79
N GLU A 176 -7.22 -10.10 5.52
CA GLU A 176 -6.33 -10.92 4.67
C GLU A 176 -5.44 -9.97 3.88
N PRO A 177 -4.44 -9.40 4.53
CA PRO A 177 -3.58 -8.38 3.94
C PRO A 177 -2.43 -8.96 3.18
N LEU A 178 -1.75 -8.06 2.50
CA LEU A 178 -0.76 -8.41 1.53
C LEU A 178 0.30 -7.34 1.48
N LEU A 179 1.55 -7.74 1.33
CA LEU A 179 2.63 -6.82 1.41
C LEU A 179 3.46 -7.06 0.22
N ARG A 180 3.63 -6.07 -0.65
CA ARG A 180 4.47 -6.19 -1.83
C ARG A 180 5.60 -5.24 -1.61
N PHE A 181 6.81 -5.75 -1.62
CA PHE A 181 7.99 -4.95 -1.64
C PHE A 181 8.61 -5.09 -3.02
N ARG A 182 9.22 -4.01 -3.52
CA ARG A 182 9.59 -3.91 -4.90
C ARG A 182 10.88 -3.07 -4.91
N TYR A 183 11.93 -3.62 -5.53
CA TYR A 183 13.25 -3.00 -5.66
C TYR A 183 13.62 -2.80 -7.13
N PHE A 184 13.98 -1.58 -7.49
CA PHE A 184 14.40 -1.21 -8.81
C PHE A 184 15.90 -0.95 -8.77
N PRO A 185 16.73 -1.93 -9.15
CA PRO A 185 18.19 -1.72 -9.20
C PRO A 185 18.65 -0.70 -10.23
N GLN A 186 19.97 -0.48 -10.26
CA GLN A 186 20.63 0.45 -11.20
C GLN A 186 21.13 -0.29 -12.46
N VAL A 187 21.27 0.44 -13.59
CA VAL A 187 22.07 0.01 -14.80
C VAL A 187 22.09 1.10 -15.92
N PRO A 188 23.03 1.04 -16.89
CA PRO A 188 23.15 2.12 -17.94
C PRO A 188 23.70 1.72 -19.34
N GLU A 189 22.90 0.97 -20.12
CA GLU A 189 23.31 0.52 -21.45
C GLU A 189 22.15 0.61 -22.45
N PRO A 197 9.12 2.95 -22.68
CA PRO A 197 8.41 3.23 -21.42
C PRO A 197 6.89 3.38 -21.63
N LEU A 198 6.14 2.38 -21.18
CA LEU A 198 4.69 2.29 -21.41
C LEU A 198 3.94 2.84 -20.19
N ARG A 199 3.52 4.10 -20.31
CA ARG A 199 2.89 4.83 -19.20
C ARG A 199 1.48 4.26 -18.91
N MET A 200 1.37 3.50 -17.82
CA MET A 200 0.08 2.97 -17.36
C MET A 200 -0.81 4.10 -16.79
N ALA A 201 -2.12 3.86 -16.76
CA ALA A 201 -3.10 4.87 -16.39
C ALA A 201 -3.51 4.83 -14.90
N PRO A 202 -3.83 5.98 -14.32
CA PRO A 202 -4.19 6.05 -12.89
C PRO A 202 -5.20 5.01 -12.46
N HIS A 203 -5.00 4.44 -11.28
CA HIS A 203 -5.97 3.55 -10.64
C HIS A 203 -6.22 3.93 -9.17
N TYR A 204 -7.31 3.40 -8.64
CA TYR A 204 -7.60 3.46 -7.23
C TYR A 204 -7.30 2.07 -6.71
N ASP A 205 -7.12 1.90 -5.40
CA ASP A 205 -6.71 0.61 -4.88
C ASP A 205 -7.89 -0.12 -4.31
N LEU A 206 -7.82 -1.44 -4.36
CA LEU A 206 -8.89 -2.31 -3.84
C LEU A 206 -8.52 -2.74 -2.44
N SER A 207 -8.56 -1.77 -1.54
CA SER A 207 -8.13 -1.93 -0.15
C SER A 207 -8.96 -0.99 0.73
N MET A 208 -9.07 -1.33 2.01
CA MET A 208 -9.54 -0.37 2.98
C MET A 208 -8.55 0.77 3.03
N VAL A 209 -7.31 0.48 3.37
CA VAL A 209 -6.23 1.46 3.28
C VAL A 209 -5.01 0.78 2.74
N THR A 210 -4.08 1.60 2.26
CA THR A 210 -2.80 1.13 1.82
C THR A 210 -1.70 2.01 2.41
N LEU A 211 -0.58 1.41 2.85
CA LEU A 211 0.59 2.15 3.38
C LEU A 211 1.80 1.96 2.51
N ILE A 212 2.50 3.06 2.17
CA ILE A 212 3.66 3.08 1.32
C ILE A 212 4.84 3.66 2.10
N GLN A 213 5.95 2.98 2.10
CA GLN A 213 7.18 3.54 2.58
C GLN A 213 8.04 3.39 1.39
N GLN A 214 8.85 4.39 1.10
CA GLN A 214 9.74 4.30 -0.03
C GLN A 214 11.10 4.83 0.36
N THR A 215 12.14 4.26 -0.20
CA THR A 215 13.44 4.86 -0.09
C THR A 215 13.49 5.82 -1.26
N PRO A 216 14.25 6.91 -1.16
CA PRO A 216 14.30 7.91 -2.23
C PRO A 216 15.30 7.53 -3.33
N CYS A 217 15.19 8.31 -4.42
CA CYS A 217 16.12 8.30 -5.52
C CYS A 217 17.20 9.32 -5.24
N ALA A 218 18.44 8.89 -5.48
CA ALA A 218 19.58 9.79 -5.40
C ALA A 218 19.35 11.09 -6.21
N ASN A 219 18.68 10.98 -7.37
CA ASN A 219 18.48 12.11 -8.30
C ASN A 219 17.16 12.92 -8.13
N GLY A 220 16.49 12.79 -6.99
CA GLY A 220 15.29 13.57 -6.70
C GLY A 220 14.04 13.18 -7.46
N PHE A 221 14.10 12.08 -8.21
CA PHE A 221 12.99 11.70 -9.08
C PHE A 221 11.87 11.05 -8.28
N VAL A 222 10.70 11.66 -8.29
CA VAL A 222 9.54 11.12 -7.64
C VAL A 222 8.71 10.31 -8.62
N SER A 223 8.75 9.00 -8.46
CA SER A 223 8.04 8.08 -9.32
C SER A 223 6.58 7.89 -8.94
N LEU A 224 6.11 8.52 -7.88
CA LEU A 224 4.74 8.26 -7.39
C LEU A 224 3.91 9.55 -7.38
N GLN A 225 2.78 9.51 -8.07
CA GLN A 225 1.94 10.68 -8.34
C GLN A 225 0.48 10.33 -8.09
N ALA A 226 -0.29 11.28 -7.55
CA ALA A 226 -1.75 11.11 -7.50
C ALA A 226 -2.51 12.40 -7.83
N GLU A 227 -3.82 12.27 -7.94
CA GLU A 227 -4.72 13.37 -8.24
C GLU A 227 -5.24 13.92 -6.93
N VAL A 228 -4.81 15.14 -6.63
CA VAL A 228 -5.33 15.90 -5.53
C VAL A 228 -5.97 17.19 -6.06
N GLY A 229 -7.26 17.35 -5.83
CA GLY A 229 -7.97 18.51 -6.35
C GLY A 229 -7.73 18.78 -7.84
N GLY A 230 -7.96 17.78 -8.69
CA GLY A 230 -7.81 17.95 -10.12
C GLY A 230 -6.41 18.18 -10.69
N ALA A 231 -5.35 17.94 -9.91
CA ALA A 231 -4.00 17.95 -10.48
C ALA A 231 -3.18 16.76 -10.04
N PHE A 232 -2.15 16.44 -10.81
CA PHE A 232 -1.18 15.44 -10.42
C PHE A 232 -0.20 16.06 -9.44
N THR A 233 -0.09 15.48 -8.25
CA THR A 233 0.86 15.92 -7.23
C THR A 233 1.87 14.81 -6.99
N ASP A 234 3.14 15.17 -6.83
CA ASP A 234 4.16 14.18 -6.51
C ASP A 234 4.08 13.82 -5.03
N LEU A 235 4.45 12.57 -4.73
CA LEU A 235 4.42 12.02 -3.40
C LEU A 235 5.78 11.39 -3.08
N PRO A 236 6.73 12.21 -2.64
CA PRO A 236 8.07 11.73 -2.29
C PRO A 236 8.15 10.95 -0.96
N TYR A 237 9.29 10.28 -0.79
CA TYR A 237 9.80 9.86 0.51
C TYR A 237 9.76 11.04 1.43
N ARG A 238 9.20 10.88 2.61
CA ARG A 238 9.33 11.90 3.64
C ARG A 238 9.90 11.31 4.93
N PRO A 239 10.90 11.96 5.52
CA PRO A 239 11.53 11.48 6.77
C PRO A 239 10.55 11.07 7.88
N ASP A 240 10.68 9.82 8.31
CA ASP A 240 9.84 9.23 9.36
C ASP A 240 8.32 9.43 9.18
N ALA A 241 7.90 9.60 7.91
CA ALA A 241 6.48 9.56 7.55
C ALA A 241 6.22 8.34 6.66
N VAL A 242 4.97 7.89 6.64
CA VAL A 242 4.48 6.86 5.75
C VAL A 242 3.26 7.39 5.03
N LEU A 243 3.20 7.15 3.72
CA LEU A 243 2.10 7.61 2.89
C LEU A 243 0.89 6.70 2.98
N VAL A 244 -0.30 7.29 3.06
CA VAL A 244 -1.49 6.50 3.21
C VAL A 244 -2.56 6.83 2.19
N PHE A 245 -2.84 5.90 1.29
CA PHE A 245 -4.01 5.97 0.43
C PHE A 245 -5.13 5.26 1.08
N CYS A 246 -6.29 5.86 1.04
CA CYS A 246 -7.53 5.17 1.19
C CYS A 246 -7.91 4.50 -0.13
N GLY A 247 -8.74 3.44 -0.04
CA GLY A 247 -9.14 2.68 -1.19
C GLY A 247 -10.63 2.49 -1.28
N ALA A 248 -11.05 1.90 -2.41
CA ALA A 248 -12.46 1.57 -2.68
C ALA A 248 -13.25 1.13 -1.44
N ILE A 249 -12.66 0.26 -0.65
CA ILE A 249 -13.38 -0.36 0.44
C ILE A 249 -13.67 0.67 1.52
N ALA A 250 -12.82 1.70 1.60
CA ALA A 250 -13.04 2.80 2.53
C ALA A 250 -14.26 3.54 2.06
N THR A 251 -14.25 3.98 0.82
CA THR A 251 -15.42 4.59 0.22
C THR A 251 -16.70 3.75 0.49
N LEU A 252 -16.68 2.47 0.09
CA LEU A 252 -17.83 1.58 0.30
C LEU A 252 -18.27 1.47 1.74
N VAL A 253 -17.32 1.19 2.64
CA VAL A 253 -17.67 0.88 4.04
C VAL A 253 -18.18 2.10 4.82
N THR A 254 -17.70 3.29 4.48
CA THR A 254 -18.15 4.56 5.10
C THR A 254 -19.31 5.21 4.38
N GLY A 255 -20.03 4.44 3.58
CA GLY A 255 -21.21 4.91 2.87
C GLY A 255 -20.96 6.02 1.87
N GLY A 256 -19.71 6.26 1.47
CA GLY A 256 -19.36 7.28 0.50
C GLY A 256 -18.54 8.42 1.10
N GLN A 257 -18.28 8.35 2.40
CA GLN A 257 -17.70 9.49 3.13
C GLN A 257 -16.22 9.72 2.85
N VAL A 258 -15.53 8.73 2.29
CA VAL A 258 -14.07 8.79 2.06
C VAL A 258 -13.74 8.61 0.61
N LYS A 259 -12.90 9.50 0.07
CA LYS A 259 -12.48 9.45 -1.32
C LYS A 259 -11.37 8.39 -1.45
N ALA A 260 -11.27 7.78 -2.64
CA ALA A 260 -10.21 6.83 -2.94
C ALA A 260 -9.44 7.35 -4.12
N PRO A 261 -8.33 8.04 -3.88
CA PRO A 261 -7.67 8.79 -4.94
C PRO A 261 -7.10 7.90 -6.05
N ARG A 262 -7.26 8.36 -7.31
CA ARG A 262 -6.60 7.74 -8.45
C ARG A 262 -5.11 8.10 -8.38
N HIS A 263 -4.21 7.15 -8.61
CA HIS A 263 -2.76 7.42 -8.63
C HIS A 263 -2.08 6.46 -9.58
N HIS A 264 -0.83 6.79 -9.94
CA HIS A 264 -0.02 5.97 -10.83
C HIS A 264 1.49 6.05 -10.51
N VAL A 265 2.22 5.00 -10.87
CA VAL A 265 3.66 5.00 -10.76
C VAL A 265 4.26 5.34 -12.10
N ALA A 266 4.75 6.56 -12.24
CA ALA A 266 5.54 6.98 -13.40
C ALA A 266 6.91 6.33 -13.39
N ALA A 267 7.23 5.55 -14.42
CA ALA A 267 8.61 5.14 -14.65
C ALA A 267 9.45 6.35 -15.10
N PRO A 268 10.78 6.24 -15.02
CA PRO A 268 11.67 7.30 -15.53
C PRO A 268 12.02 7.13 -17.02
N ARG A 269 12.32 8.22 -17.73
CA ARG A 269 12.70 8.10 -19.15
C ARG A 269 14.21 7.77 -19.30
N ARG A 270 14.71 7.75 -20.55
CA ARG A 270 16.09 7.30 -20.85
C ARG A 270 17.16 8.40 -20.62
N ASP A 271 16.91 9.25 -19.61
CA ASP A 271 17.61 10.53 -19.38
C ASP A 271 17.85 10.88 -17.89
N GLN A 272 17.08 10.24 -17.00
CA GLN A 272 17.14 10.53 -15.57
C GLN A 272 17.35 9.22 -14.80
N ILE A 273 18.33 8.42 -15.24
CA ILE A 273 18.62 7.10 -14.62
C ILE A 273 19.99 6.99 -13.91
N ALA A 274 20.85 8.01 -14.07
CA ALA A 274 22.00 8.14 -13.19
C ALA A 274 21.45 8.36 -11.77
N GLY A 275 21.57 7.34 -10.93
CA GLY A 275 21.06 7.39 -9.55
C GLY A 275 19.53 7.41 -9.43
N SER A 276 18.88 6.33 -9.86
CA SER A 276 17.42 6.18 -9.73
C SER A 276 17.01 4.80 -9.18
N SER A 277 17.94 4.11 -8.54
CA SER A 277 17.61 2.97 -7.72
C SER A 277 16.64 3.45 -6.63
N ARG A 278 15.64 2.64 -6.34
CA ARG A 278 14.66 2.94 -5.32
C ARG A 278 13.93 1.67 -4.92
N THR A 279 13.19 1.76 -3.83
CA THR A 279 12.34 0.66 -3.41
C THR A 279 11.04 1.26 -2.96
N SER A 280 10.02 0.44 -2.93
CA SER A 280 8.84 0.79 -2.18
C SER A 280 8.25 -0.43 -1.53
N SER A 281 7.46 -0.16 -0.51
CA SER A 281 6.95 -1.18 0.35
C SER A 281 5.50 -0.82 0.50
N VAL A 282 4.62 -1.62 -0.06
CA VAL A 282 3.26 -1.25 -0.15
C VAL A 282 2.46 -2.30 0.56
N PHE A 283 1.57 -1.88 1.46
CA PHE A 283 0.87 -2.82 2.32
C PHE A 283 -0.63 -2.66 2.18
N PHE A 284 -1.33 -3.66 1.66
CA PHE A 284 -2.73 -3.58 1.30
C PHE A 284 -3.51 -4.19 2.39
N LEU A 285 -4.21 -3.37 3.13
CA LEU A 285 -5.11 -3.91 4.09
C LEU A 285 -6.39 -4.27 3.33
N ARG A 286 -6.52 -5.55 2.99
CA ARG A 286 -7.67 -6.05 2.22
C ARG A 286 -8.63 -6.79 3.13
N PRO A 287 -9.93 -6.66 2.88
CA PRO A 287 -10.94 -7.30 3.73
C PRO A 287 -11.01 -8.79 3.49
N ASN A 288 -11.68 -9.51 4.40
CA ASN A 288 -11.96 -10.94 4.22
C ASN A 288 -12.87 -11.13 3.00
N ALA A 289 -12.60 -12.15 2.17
CA ALA A 289 -13.43 -12.46 0.99
C ALA A 289 -14.95 -12.30 1.23
N ASP A 290 -15.42 -12.79 2.36
CA ASP A 290 -16.85 -12.73 2.71
C ASP A 290 -17.43 -11.34 3.02
N PHE A 291 -16.63 -10.29 2.93
CA PHE A 291 -17.14 -8.94 3.20
C PHE A 291 -18.16 -8.61 2.11
N THR A 292 -19.14 -7.75 2.40
CA THR A 292 -20.19 -7.38 1.43
C THR A 292 -20.56 -5.89 1.38
N PHE A 293 -21.10 -5.49 0.24
CA PHE A 293 -21.42 -4.10 -0.06
C PHE A 293 -22.62 -4.00 -1.01
N SER A 294 -23.45 -2.97 -0.80
CA SER A 294 -24.66 -2.79 -1.58
C SER A 294 -24.31 -2.12 -2.90
N VAL A 295 -24.64 -2.78 -4.02
CA VAL A 295 -24.18 -2.31 -5.35
C VAL A 295 -24.80 -0.98 -5.85
N PRO A 296 -25.99 -0.57 -5.38
CA PRO A 296 -26.47 0.79 -5.70
C PRO A 296 -25.37 1.81 -5.38
N LEU A 297 -24.85 1.75 -4.15
CA LEU A 297 -23.79 2.66 -3.67
C LEU A 297 -22.44 2.54 -4.43
N ALA A 298 -22.09 1.36 -4.90
CA ALA A 298 -20.78 1.13 -5.50
C ALA A 298 -20.57 1.84 -6.84
N ARG A 299 -21.52 1.66 -7.76
CA ARG A 299 -21.43 2.29 -9.08
C ARG A 299 -21.66 3.79 -8.94
N GLU A 300 -22.52 4.18 -7.99
CA GLU A 300 -22.74 5.60 -7.61
C GLU A 300 -21.46 6.46 -7.47
N CYS A 301 -20.29 5.82 -7.31
CA CYS A 301 -18.99 6.51 -7.20
C CYS A 301 -18.22 6.62 -8.51
N GLY A 302 -18.10 5.48 -9.19
CA GLY A 302 -17.37 5.39 -10.44
C GLY A 302 -16.33 4.29 -10.40
N PHE A 303 -16.77 3.10 -10.02
CA PHE A 303 -15.90 1.92 -9.96
C PHE A 303 -16.41 0.84 -10.94
N ASP A 304 -15.53 -0.12 -11.30
CA ASP A 304 -15.85 -1.12 -12.32
C ASP A 304 -17.03 -1.99 -11.89
N VAL A 305 -18.18 -1.80 -12.55
CA VAL A 305 -19.38 -2.62 -12.34
C VAL A 305 -19.20 -3.99 -13.04
N SER A 306 -18.55 -4.91 -12.32
CA SER A 306 -18.07 -6.19 -12.86
C SER A 306 -19.03 -7.35 -12.56
N LEU A 307 -20.09 -7.08 -11.79
CA LEU A 307 -21.07 -8.09 -11.40
C LEU A 307 -22.51 -7.55 -11.57
N ASP A 308 -23.40 -8.43 -12.04
CA ASP A 308 -24.81 -8.08 -12.27
C ASP A 308 -25.68 -8.70 -11.17
N GLY A 309 -25.71 -8.04 -10.01
CA GLY A 309 -26.52 -8.46 -8.87
C GLY A 309 -27.07 -7.31 -8.04
N GLU A 310 -27.66 -7.64 -6.88
CA GLU A 310 -28.26 -6.67 -5.93
C GLU A 310 -27.27 -6.21 -4.82
N THR A 311 -26.55 -7.17 -4.23
CA THR A 311 -25.36 -6.94 -3.38
C THR A 311 -24.29 -7.99 -3.73
N ALA A 312 -23.09 -7.89 -3.15
CA ALA A 312 -21.98 -8.78 -3.53
C ALA A 312 -20.82 -8.85 -2.52
N THR A 313 -19.85 -9.73 -2.78
CA THR A 313 -18.67 -9.90 -1.94
C THR A 313 -17.35 -9.50 -2.64
N PHE A 314 -16.28 -9.49 -1.88
CA PHE A 314 -14.98 -9.00 -2.36
C PHE A 314 -14.29 -9.97 -3.35
N GLN A 315 -14.20 -11.26 -3.01
CA GLN A 315 -13.41 -12.28 -3.76
C GLN A 315 -13.72 -12.45 -5.26
N ASP A 316 -15.01 -12.37 -5.61
CA ASP A 316 -15.48 -12.57 -6.98
C ASP A 316 -15.21 -11.33 -7.83
N TRP A 317 -15.28 -10.17 -7.19
CA TRP A 317 -14.86 -8.91 -7.76
C TRP A 317 -13.35 -8.94 -8.05
N ILE A 318 -12.70 -10.06 -7.74
CA ILE A 318 -11.45 -10.48 -8.37
C ILE A 318 -11.59 -11.92 -8.88
FE FE B . -2.05 1.42 -6.15
C8 PN1 C . -5.16 -7.35 -7.60
C5 PN1 C . -4.25 -5.33 -6.57
C6 PN1 C . 1.06 -0.20 -6.73
N1 PN1 C . -2.77 -2.26 -6.91
C2 PN1 C . 2.61 -2.34 -6.63
N3 PN1 C . 0.44 -2.21 -7.89
C4 PN1 C . -4.37 -3.90 -6.11
C1 PN1 C . 1.65 0.50 -5.49
C3 PN1 C . -3.92 -2.91 -7.16
C7 PN1 C . -5.32 -6.01 -7.19
C9 PN1 C . -3.95 -8.02 -7.38
C10 PN1 C . -2.89 -7.36 -6.76
C11 PN1 C . -3.05 -6.02 -6.36
C12 PN1 C . 1.20 -1.75 -6.70
C13 PN1 C . -0.68 -1.25 -8.04
C14 PN1 C . -1.75 -2.35 -7.96
C15 PN1 C . -0.56 -3.22 -7.71
C16 PN1 C . 1.74 0.39 -7.99
N2 PN1 C . -5.72 -3.54 -5.72
O1 PN1 C . 2.74 -3.53 -6.46
O2 PN1 C . 3.71 -1.61 -6.73
O3 PN1 C . -4.56 -2.79 -8.20
O4 PN1 C . -0.45 -4.42 -7.44
S1 PN1 C . -0.66 0.03 -6.74
#